data_8TA1
#
_entry.id   8TA1
#
_cell.length_a   28.722
_cell.length_b   66.265
_cell.length_c   44.138
_cell.angle_alpha   90.00
_cell.angle_beta   92.21
_cell.angle_gamma   90.00
#
_symmetry.space_group_name_H-M   'P 1 21 1'
#
loop_
_entity.id
_entity.type
_entity.pdbx_description
1 polymer 'Dihydrofolate reductase'
2 non-polymer 'SODIUM ION'
3 non-polymer 'ACETATE ION'
4 non-polymer '3-(2-{3-[(2,4-diamino-6-cyclohexylpyrimidin-5-yl)oxy]propoxy}phenyl)propanoic acid'
5 non-polymer 'NADP NICOTINAMIDE-ADENINE-DINUCLEOTIDE PHOSPHATE'
6 non-polymer 'TETRAETHYLENE GLYCOL'
7 water water
#
_entity_poly.entity_id   1
_entity_poly.type   'polypeptide(L)'
_entity_poly.pdbx_seq_one_letter_code
;MAHHHHHHMTSVGLIWAQSTSGVIGRDGGIPWRLPEDLAHFKRLTMGHTVVMGRRTWDSLPAAHRPLPGRRNVVVTRQTG
LVAHGAQVVGSLEQALSPAEPDAATWVIGGAQIYALALPLANRCEVTEVDVDLPPEDEDALAPVLDQTWAGTSGEWLVSR
SGLRYRMHSYRRL
;
_entity_poly.pdbx_strand_id   A
#
# COMPACT_ATOMS: atom_id res chain seq x y z
N SER A 11 -2.44 5.90 -14.79
CA SER A 11 -2.02 4.52 -14.59
C SER A 11 -2.12 4.14 -13.10
N VAL A 12 -2.19 2.83 -12.83
CA VAL A 12 -2.49 2.30 -11.50
C VAL A 12 -1.28 1.54 -10.96
N GLY A 13 -0.83 1.93 -9.77
CA GLY A 13 0.27 1.27 -9.11
C GLY A 13 -0.14 0.77 -7.75
N LEU A 14 0.52 -0.28 -7.31
CA LEU A 14 0.42 -0.74 -5.93
C LEU A 14 1.68 -0.32 -5.21
N ILE A 15 1.55 0.00 -3.93
CA ILE A 15 2.68 0.34 -3.09
C ILE A 15 2.46 -0.35 -1.75
N TRP A 16 3.47 -1.09 -1.30
CA TRP A 16 3.40 -1.76 0.00
C TRP A 16 4.80 -1.94 0.56
N ALA A 17 4.85 -2.17 1.87
CA ALA A 17 6.05 -2.55 2.61
C ALA A 17 5.80 -3.92 3.27
N GLN A 18 6.74 -4.83 3.10
CA GLN A 18 6.60 -6.17 3.66
C GLN A 18 7.88 -6.60 4.35
N SER A 19 7.73 -7.46 5.35
CA SER A 19 8.88 -8.17 5.87
C SER A 19 9.37 -9.15 4.81
N THR A 20 10.61 -9.61 4.96
CA THR A 20 11.10 -10.61 4.03
CA THR A 20 11.13 -10.64 4.07
C THR A 20 10.16 -11.82 3.97
N SER A 21 9.54 -12.19 5.10
CA SER A 21 8.60 -13.32 5.14
C SER A 21 7.27 -13.04 4.45
N GLY A 22 7.00 -11.80 4.09
CA GLY A 22 5.78 -11.46 3.37
C GLY A 22 4.69 -10.81 4.19
N VAL A 23 4.94 -10.52 5.46
CA VAL A 23 3.93 -9.91 6.31
C VAL A 23 3.84 -8.42 6.02
N ILE A 24 2.60 -7.93 5.85
CA ILE A 24 2.34 -6.50 5.77
C ILE A 24 1.58 -5.92 6.97
N GLY A 25 0.84 -6.73 7.70
CA GLY A 25 -0.01 -6.22 8.76
C GLY A 25 -0.22 -7.24 9.86
N ARG A 26 -0.41 -6.73 11.06
CA ARG A 26 -0.67 -7.57 12.23
C ARG A 26 -1.39 -6.71 13.26
N ASP A 27 -2.45 -7.27 13.86
CA ASP A 27 -3.16 -6.62 14.97
CA ASP A 27 -3.13 -6.60 14.98
C ASP A 27 -3.65 -5.23 14.58
N GLY A 28 -4.08 -5.09 13.33
CA GLY A 28 -4.61 -3.82 12.86
C GLY A 28 -3.57 -2.74 12.64
N GLY A 29 -2.29 -3.09 12.56
CA GLY A 29 -1.24 -2.13 12.29
C GLY A 29 -0.08 -2.78 11.56
N ILE A 30 1.08 -2.14 11.65
CA ILE A 30 2.30 -2.52 10.94
C ILE A 30 3.29 -2.97 12.01
N PRO A 31 3.82 -4.19 11.94
CA PRO A 31 4.60 -4.72 13.06
C PRO A 31 6.10 -4.45 12.99
N TRP A 32 6.46 -3.26 12.53
CA TRP A 32 7.82 -2.76 12.60
C TRP A 32 7.75 -1.26 12.43
N ARG A 33 8.87 -0.58 12.73
CA ARG A 33 8.98 0.87 12.57
C ARG A 33 10.11 1.17 11.60
N LEU A 34 9.77 1.75 10.45
CA LEU A 34 10.74 2.07 9.41
C LEU A 34 10.48 3.47 8.87
N PRO A 35 11.08 4.49 9.49
CA PRO A 35 10.77 5.87 9.11
C PRO A 35 11.07 6.16 7.65
N GLU A 36 12.15 5.59 7.13
CA GLU A 36 12.52 5.84 5.74
C GLU A 36 11.45 5.33 4.78
N ASP A 37 10.69 4.31 5.18
CA ASP A 37 9.59 3.85 4.33
C ASP A 37 8.40 4.79 4.41
N LEU A 38 8.09 5.32 5.59
CA LEU A 38 7.06 6.36 5.66
C LEU A 38 7.40 7.52 4.74
N ALA A 39 8.66 7.95 4.73
CA ALA A 39 9.06 9.05 3.86
C ALA A 39 8.93 8.67 2.39
N HIS A 40 9.35 7.46 2.03
CA HIS A 40 9.21 6.96 0.66
C HIS A 40 7.74 6.93 0.24
N PHE A 41 6.87 6.46 1.12
CA PHE A 41 5.46 6.40 0.83
C PHE A 41 4.89 7.78 0.59
N LYS A 42 5.19 8.73 1.49
CA LYS A 42 4.73 10.11 1.27
C LYS A 42 5.28 10.68 -0.03
N ARG A 43 6.56 10.46 -0.32
CA ARG A 43 7.13 11.04 -1.52
C ARG A 43 6.42 10.54 -2.77
N LEU A 44 6.11 9.25 -2.81
CA LEU A 44 5.49 8.71 -4.02
CA LEU A 44 5.50 8.71 -4.02
C LEU A 44 4.03 9.11 -4.15
N THR A 45 3.33 9.30 -3.02
CA THR A 45 1.88 9.48 -3.05
C THR A 45 1.42 10.93 -2.93
N MET A 46 2.27 11.86 -2.47
CA MET A 46 1.80 13.20 -2.21
C MET A 46 1.24 13.84 -3.47
N GLY A 47 0.08 14.45 -3.33
CA GLY A 47 -0.53 15.15 -4.44
C GLY A 47 -1.38 14.25 -5.30
N HIS A 48 -1.48 12.97 -4.97
CA HIS A 48 -2.15 11.98 -5.81
C HIS A 48 -3.24 11.23 -5.05
N THR A 49 -3.89 10.32 -5.77
CA THR A 49 -4.99 9.53 -5.23
C THR A 49 -4.47 8.26 -4.57
N VAL A 50 -4.96 7.96 -3.37
CA VAL A 50 -4.62 6.75 -2.64
C VAL A 50 -5.90 5.97 -2.38
N VAL A 51 -5.92 4.73 -2.84
CA VAL A 51 -7.07 3.84 -2.76
C VAL A 51 -6.76 2.75 -1.73
N MET A 52 -7.66 2.56 -0.77
CA MET A 52 -7.42 1.61 0.32
C MET A 52 -8.71 0.89 0.71
N GLY A 53 -8.54 -0.32 1.24
CA GLY A 53 -9.66 -1.01 1.85
C GLY A 53 -10.07 -0.35 3.16
N ARG A 54 -11.30 -0.67 3.57
CA ARG A 54 -11.85 -0.07 4.77
C ARG A 54 -11.04 -0.43 6.02
N ARG A 55 -10.48 -1.64 6.09
CA ARG A 55 -9.68 -1.96 7.29
C ARG A 55 -8.41 -1.13 7.35
N THR A 56 -7.78 -0.87 6.20
CA THR A 56 -6.63 0.02 6.17
C THR A 56 -7.02 1.45 6.59
N TRP A 57 -8.15 1.95 6.10
CA TRP A 57 -8.62 3.26 6.55
C TRP A 57 -8.75 3.29 8.08
N ASP A 58 -9.29 2.23 8.66
CA ASP A 58 -9.46 2.20 10.10
C ASP A 58 -8.13 2.04 10.84
N SER A 59 -7.10 1.52 10.15
CA SER A 59 -5.77 1.33 10.73
C SER A 59 -4.95 2.62 10.79
N LEU A 60 -5.38 3.68 10.12
CA LEU A 60 -4.54 4.86 10.00
C LEU A 60 -4.45 5.60 11.34
N PRO A 61 -3.27 6.03 11.75
CA PRO A 61 -3.16 6.80 12.98
C PRO A 61 -3.89 8.13 12.84
N ALA A 62 -4.28 8.70 13.98
CA ALA A 62 -5.19 9.86 14.01
C ALA A 62 -4.73 11.00 13.11
N ALA A 63 -3.45 11.37 13.20
CA ALA A 63 -2.94 12.49 12.42
C ALA A 63 -2.78 12.16 10.94
N HIS A 64 -3.10 10.93 10.55
CA HIS A 64 -2.96 10.47 9.18
C HIS A 64 -4.27 9.90 8.62
N ARG A 65 -5.40 10.27 9.24
CA ARG A 65 -6.72 9.78 8.83
C ARG A 65 -7.62 11.00 8.68
N PRO A 66 -7.74 11.55 7.46
CA PRO A 66 -7.15 11.09 6.19
C PRO A 66 -5.67 11.39 6.01
N LEU A 67 -5.11 10.74 5.03
CA LEU A 67 -3.70 10.95 4.69
C LEU A 67 -3.55 12.35 4.11
N PRO A 68 -2.81 13.25 4.76
CA PRO A 68 -2.84 14.66 4.33
C PRO A 68 -2.17 14.85 2.99
N GLY A 69 -2.78 15.70 2.17
CA GLY A 69 -2.20 16.05 0.88
C GLY A 69 -2.51 15.07 -0.22
N ARG A 70 -3.36 14.09 0.05
CA ARG A 70 -3.69 13.06 -0.91
C ARG A 70 -5.21 12.94 -0.98
N ARG A 71 -5.70 12.51 -2.15
CA ARG A 71 -7.11 12.22 -2.31
C ARG A 71 -7.32 10.79 -1.82
N ASN A 72 -8.03 10.66 -0.70
CA ASN A 72 -8.23 9.39 -0.04
C ASN A 72 -9.51 8.76 -0.54
N VAL A 73 -9.43 7.51 -0.96
CA VAL A 73 -10.57 6.76 -1.47
C VAL A 73 -10.62 5.45 -0.72
N VAL A 74 -11.78 5.16 -0.13
CA VAL A 74 -11.95 4.00 0.75
C VAL A 74 -12.96 3.06 0.12
N VAL A 75 -12.58 1.80 -0.03
CA VAL A 75 -13.40 0.75 -0.61
C VAL A 75 -14.07 -0.05 0.52
N THR A 76 -15.39 -0.15 0.47
CA THR A 76 -16.19 -0.83 1.48
C THR A 76 -17.43 -1.41 0.81
N ARG A 77 -18.00 -2.43 1.44
CA ARG A 77 -19.34 -2.89 1.09
C ARG A 77 -20.42 -2.24 1.94
N GLN A 78 -20.05 -1.44 2.93
CA GLN A 78 -21.03 -0.78 3.77
C GLN A 78 -21.58 0.44 3.06
N THR A 79 -22.81 0.34 2.58
CA THR A 79 -23.34 1.37 1.70
C THR A 79 -23.44 2.74 2.40
N GLY A 80 -23.76 2.76 3.69
CA GLY A 80 -23.94 4.03 4.37
C GLY A 80 -22.73 4.61 5.09
N LEU A 81 -21.52 4.13 4.78
CA LEU A 81 -20.38 4.48 5.59
C LEU A 81 -19.94 5.92 5.34
N VAL A 82 -19.73 6.65 6.42
CA VAL A 82 -19.12 7.97 6.37
C VAL A 82 -17.66 7.84 6.80
N ALA A 83 -16.77 8.45 6.03
CA ALA A 83 -15.33 8.45 6.28
C ALA A 83 -14.89 9.89 6.10
N HIS A 84 -14.84 10.64 7.19
CA HIS A 84 -14.58 12.06 7.09
C HIS A 84 -13.20 12.27 6.51
N GLY A 85 -13.14 13.03 5.42
CA GLY A 85 -11.89 13.34 4.77
C GLY A 85 -11.54 12.40 3.64
N ALA A 86 -12.39 11.42 3.35
CA ALA A 86 -12.17 10.47 2.27
C ALA A 86 -13.44 10.33 1.45
N GLN A 87 -13.27 9.80 0.24
CA GLN A 87 -14.38 9.43 -0.63
C GLN A 87 -14.65 7.93 -0.47
N VAL A 88 -15.89 7.58 -0.20
CA VAL A 88 -16.28 6.19 -0.01
C VAL A 88 -16.83 5.65 -1.33
N VAL A 89 -16.30 4.51 -1.77
CA VAL A 89 -16.81 3.81 -2.95
C VAL A 89 -17.10 2.34 -2.58
N GLY A 90 -17.86 1.67 -3.44
CA GLY A 90 -18.32 0.32 -3.15
C GLY A 90 -17.58 -0.80 -3.84
N SER A 91 -16.55 -0.49 -4.61
CA SER A 91 -15.77 -1.52 -5.29
C SER A 91 -14.45 -0.91 -5.74
N LEU A 92 -13.48 -1.80 -5.99
CA LEU A 92 -12.21 -1.33 -6.52
C LEU A 92 -12.39 -0.70 -7.89
N GLU A 93 -13.25 -1.28 -8.74
CA GLU A 93 -13.49 -0.71 -10.06
C GLU A 93 -14.01 0.72 -9.94
N GLN A 94 -14.91 0.99 -9.00
CA GLN A 94 -15.37 2.35 -8.78
C GLN A 94 -14.23 3.27 -8.37
N ALA A 95 -13.39 2.81 -7.44
CA ALA A 95 -12.23 3.60 -7.02
C ALA A 95 -11.34 3.99 -8.20
N LEU A 96 -11.22 3.11 -9.18
CA LEU A 96 -10.33 3.34 -10.31
C LEU A 96 -11.04 4.00 -11.48
N SER A 97 -12.28 4.45 -11.26
CA SER A 97 -13.09 5.11 -12.27
CA SER A 97 -13.07 5.13 -12.28
C SER A 97 -13.54 6.48 -11.73
N PRO A 98 -12.60 7.34 -11.36
CA PRO A 98 -12.97 8.61 -10.73
C PRO A 98 -13.69 9.54 -11.69
N ALA A 99 -14.57 10.37 -11.11
CA ALA A 99 -15.16 11.44 -11.90
C ALA A 99 -14.14 12.50 -12.28
N GLU A 100 -13.10 12.70 -11.46
CA GLU A 100 -12.01 13.63 -11.75
C GLU A 100 -10.71 12.84 -11.92
N PRO A 101 -10.16 12.75 -13.11
CA PRO A 101 -8.96 11.90 -13.31
C PRO A 101 -7.75 12.37 -12.53
N ASP A 102 -6.87 11.42 -12.21
CA ASP A 102 -5.58 11.68 -11.61
C ASP A 102 -4.52 11.02 -12.48
N ALA A 103 -3.42 11.74 -12.73
CA ALA A 103 -2.31 11.14 -13.48
C ALA A 103 -1.75 9.91 -12.80
N ALA A 104 -1.92 9.79 -11.49
CA ALA A 104 -1.25 8.77 -10.71
C ALA A 104 -2.21 8.32 -9.63
N THR A 105 -2.60 7.05 -9.67
CA THR A 105 -3.44 6.46 -8.63
C THR A 105 -2.69 5.30 -8.01
N TRP A 106 -2.61 5.32 -6.70
CA TRP A 106 -1.88 4.32 -5.92
C TRP A 106 -2.86 3.52 -5.08
N VAL A 107 -2.78 2.20 -5.18
CA VAL A 107 -3.50 1.31 -4.28
C VAL A 107 -2.57 1.03 -3.11
N ILE A 108 -2.99 1.41 -1.91
CA ILE A 108 -2.11 1.46 -0.75
C ILE A 108 -2.45 0.39 0.28
N GLY A 109 -3.30 -0.55 -0.05
CA GLY A 109 -3.56 -1.72 0.79
C GLY A 109 -5.02 -1.78 1.21
N GLY A 110 -5.35 -2.82 1.97
CA GLY A 110 -4.47 -3.86 2.47
C GLY A 110 -4.43 -5.10 1.63
N ALA A 111 -4.22 -6.25 2.27
CA ALA A 111 -4.07 -7.50 1.53
C ALA A 111 -5.28 -7.82 0.69
N GLN A 112 -6.48 -7.62 1.21
CA GLN A 112 -7.67 -7.93 0.42
C GLN A 112 -7.71 -7.09 -0.85
N ILE A 113 -7.45 -5.79 -0.72
CA ILE A 113 -7.54 -4.89 -1.88
C ILE A 113 -6.37 -5.10 -2.85
N TYR A 114 -5.16 -5.41 -2.34
CA TYR A 114 -4.06 -5.68 -3.27
C TYR A 114 -4.42 -6.80 -4.22
N ALA A 115 -5.07 -7.86 -3.72
CA ALA A 115 -5.37 -9.01 -4.56
C ALA A 115 -6.33 -8.64 -5.68
N LEU A 116 -7.28 -7.75 -5.40
CA LEU A 116 -8.22 -7.29 -6.40
C LEU A 116 -7.55 -6.34 -7.39
N ALA A 117 -6.56 -5.57 -6.93
CA ALA A 117 -6.00 -4.54 -7.78
C ALA A 117 -4.89 -5.04 -8.68
N LEU A 118 -4.19 -6.09 -8.28
CA LEU A 118 -3.01 -6.52 -9.04
C LEU A 118 -3.28 -6.73 -10.52
N PRO A 119 -4.41 -7.35 -10.95
CA PRO A 119 -4.66 -7.51 -12.39
C PRO A 119 -4.91 -6.22 -13.13
N LEU A 120 -5.17 -5.13 -12.42
CA LEU A 120 -5.48 -3.84 -13.02
C LEU A 120 -4.29 -2.90 -12.99
N ALA A 121 -3.18 -3.31 -12.41
CA ALA A 121 -2.05 -2.44 -12.17
C ALA A 121 -0.92 -2.70 -13.18
N ASN A 122 -0.11 -1.67 -13.37
CA ASN A 122 1.06 -1.78 -14.22
C ASN A 122 2.37 -1.51 -13.49
N ARG A 123 2.31 -1.18 -12.20
CA ARG A 123 3.50 -0.83 -11.43
C ARG A 123 3.29 -1.26 -9.99
N CYS A 124 4.36 -1.76 -9.35
CA CYS A 124 4.36 -2.06 -7.92
C CYS A 124 5.64 -1.48 -7.33
N GLU A 125 5.51 -0.76 -6.22
CA GLU A 125 6.62 -0.17 -5.49
C GLU A 125 6.66 -0.84 -4.12
N VAL A 126 7.67 -1.67 -3.87
CA VAL A 126 7.69 -2.57 -2.74
C VAL A 126 8.88 -2.21 -1.86
N THR A 127 8.64 -2.03 -0.56
CA THR A 127 9.73 -1.93 0.39
C THR A 127 9.85 -3.29 1.07
N GLU A 128 11.07 -3.79 1.11
CA GLU A 128 11.35 -5.06 1.77
C GLU A 128 12.11 -4.73 3.05
N VAL A 129 11.64 -5.30 4.16
CA VAL A 129 12.14 -4.98 5.48
C VAL A 129 12.73 -6.27 6.07
N ASP A 130 14.02 -6.25 6.38
CA ASP A 130 14.68 -7.41 6.97
C ASP A 130 14.38 -7.44 8.47
N VAL A 131 13.20 -7.96 8.80
CA VAL A 131 12.76 -8.10 10.18
C VAL A 131 12.18 -9.50 10.31
N ASP A 132 12.55 -10.20 11.38
CA ASP A 132 12.16 -11.60 11.54
C ASP A 132 10.77 -11.64 12.13
N LEU A 133 9.79 -12.00 11.29
CA LEU A 133 8.40 -12.11 11.68
C LEU A 133 7.83 -13.36 11.03
N PRO A 134 7.95 -14.49 11.69
CA PRO A 134 7.24 -15.68 11.19
C PRO A 134 5.74 -15.38 11.17
N PRO A 135 5.09 -15.53 10.02
CA PRO A 135 3.66 -15.13 9.95
C PRO A 135 2.83 -15.82 11.02
N GLU A 136 1.95 -15.04 11.66
CA GLU A 136 0.91 -15.52 12.56
C GLU A 136 -0.40 -15.67 11.76
N ASP A 137 -1.37 -16.39 12.34
CA ASP A 137 -2.51 -16.86 11.55
C ASP A 137 -3.34 -15.71 11.01
N GLU A 138 -3.44 -14.60 11.74
CA GLU A 138 -4.23 -13.45 11.30
C GLU A 138 -3.40 -12.38 10.61
N ASP A 139 -2.13 -12.63 10.33
CA ASP A 139 -1.32 -11.64 9.65
C ASP A 139 -1.84 -11.39 8.25
N ALA A 140 -1.80 -10.13 7.82
CA ALA A 140 -2.09 -9.82 6.45
C ALA A 140 -0.79 -9.94 5.67
N LEU A 141 -0.84 -10.57 4.50
CA LEU A 141 0.34 -10.91 3.72
C LEU A 141 0.37 -10.15 2.39
N ALA A 142 1.59 -9.94 1.90
CA ALA A 142 1.80 -9.25 0.64
C ALA A 142 1.39 -10.11 -0.55
N PRO A 143 0.99 -9.49 -1.66
CA PRO A 143 0.90 -10.25 -2.90
C PRO A 143 2.26 -10.72 -3.36
N VAL A 144 2.25 -11.78 -4.17
CA VAL A 144 3.46 -12.31 -4.79
C VAL A 144 3.34 -12.03 -6.28
N LEU A 145 4.40 -11.45 -6.85
CA LEU A 145 4.38 -11.05 -8.23
C LEU A 145 4.89 -12.20 -9.09
N ASP A 146 4.12 -12.54 -10.11
CA ASP A 146 4.44 -13.66 -10.99
C ASP A 146 5.30 -13.20 -12.17
N GLN A 147 5.41 -14.08 -13.18
CA GLN A 147 6.28 -13.83 -14.32
C GLN A 147 5.78 -12.71 -15.21
N THR A 148 4.57 -12.20 -15.01
CA THR A 148 4.13 -11.08 -15.82
C THR A 148 4.72 -9.76 -15.34
N TRP A 149 5.46 -9.80 -14.23
CA TRP A 149 6.12 -8.65 -13.63
C TRP A 149 7.64 -8.82 -13.69
N ALA A 150 8.33 -7.71 -13.86
CA ALA A 150 9.79 -7.68 -13.77
C ALA A 150 10.17 -6.45 -12.97
N GLY A 151 11.28 -6.53 -12.27
CA GLY A 151 11.64 -5.47 -11.35
C GLY A 151 13.11 -5.20 -11.26
N THR A 152 13.38 -4.15 -10.50
CA THR A 152 14.72 -3.68 -10.19
CA THR A 152 14.72 -3.66 -10.19
C THR A 152 14.79 -3.44 -8.68
N SER A 153 15.96 -3.69 -8.11
CA SER A 153 16.10 -3.67 -6.66
C SER A 153 17.14 -2.63 -6.26
N GLY A 154 16.77 -1.74 -5.36
CA GLY A 154 17.73 -0.83 -4.78
C GLY A 154 18.68 -1.57 -3.85
N GLU A 155 19.77 -0.90 -3.49
CA GLU A 155 20.70 -1.54 -2.58
C GLU A 155 20.08 -1.67 -1.19
N TRP A 156 20.57 -2.64 -0.44
CA TRP A 156 20.21 -2.75 0.97
C TRP A 156 20.77 -1.56 1.74
N LEU A 157 19.88 -0.88 2.47
CA LEU A 157 20.20 0.26 3.31
C LEU A 157 19.89 -0.08 4.76
N VAL A 158 20.47 0.69 5.68
CA VAL A 158 20.16 0.57 7.10
C VAL A 158 19.41 1.81 7.57
N SER A 159 18.26 1.59 8.18
CA SER A 159 17.46 2.65 8.75
C SER A 159 18.19 3.28 9.92
N ARG A 160 17.91 4.58 10.14
CA ARG A 160 18.39 5.23 11.35
C ARG A 160 17.83 4.58 12.60
N SER A 161 16.73 3.84 12.47
CA SER A 161 16.15 3.10 13.59
C SER A 161 16.59 1.62 13.62
N GLY A 162 17.45 1.19 12.72
CA GLY A 162 18.17 -0.06 12.87
C GLY A 162 17.87 -1.14 11.85
N LEU A 163 16.70 -1.15 11.22
CA LEU A 163 16.34 -2.23 10.30
C LEU A 163 17.01 -2.07 8.95
N ARG A 164 17.52 -3.18 8.42
CA ARG A 164 17.88 -3.22 7.00
C ARG A 164 16.62 -3.24 6.14
N TYR A 165 16.66 -2.51 5.03
CA TYR A 165 15.53 -2.41 4.13
C TYR A 165 16.05 -2.11 2.73
N ARG A 166 15.21 -2.39 1.73
CA ARG A 166 15.51 -1.96 0.38
C ARG A 166 14.22 -1.81 -0.39
N MET A 167 14.28 -1.01 -1.43
CA MET A 167 13.10 -0.70 -2.24
C MET A 167 13.23 -1.39 -3.59
N HIS A 168 12.13 -2.00 -4.04
CA HIS A 168 12.05 -2.64 -5.34
C HIS A 168 10.99 -1.94 -6.18
N SER A 169 11.22 -1.87 -7.48
CA SER A 169 10.30 -1.24 -8.41
CA SER A 169 10.30 -1.24 -8.41
C SER A 169 9.99 -2.22 -9.52
N TYR A 170 8.72 -2.62 -9.63
CA TYR A 170 8.28 -3.59 -10.62
C TYR A 170 7.33 -2.92 -11.59
N ARG A 171 7.40 -3.36 -12.84
CA ARG A 171 6.47 -2.93 -13.87
C ARG A 171 6.01 -4.16 -14.63
N ARG A 172 4.78 -4.10 -15.11
CA ARG A 172 4.26 -5.18 -15.91
C ARG A 172 5.03 -5.30 -17.22
N LEU A 173 5.42 -6.52 -17.56
CA LEU A 173 6.10 -6.78 -18.83
C LEU A 173 5.17 -6.64 -20.03
#